data_4TWJ
#
_entry.id   4TWJ
#
_cell.length_a   38.478
_cell.length_b   77.251
_cell.length_c   45.904
_cell.angle_alpha   90.00
_cell.angle_beta   110.74
_cell.angle_gamma   90.00
#
_symmetry.space_group_name_H-M   'P 1 21 1'
#
loop_
_entity.id
_entity.type
_entity.pdbx_description
1 polymer 'NAD-dependent protein deacylase 2'
2 polymer 'Histone H4 peptide'
3 non-polymer 'ZINC ION'
4 non-polymer 'ACETATE ION'
5 non-polymer GLYCEROL
6 water water
#
loop_
_entity_poly.entity_id
_entity_poly.type
_entity_poly.pdbx_seq_one_letter_code
_entity_poly.pdbx_strand_id
1 'polypeptide(L)'
;MEDEIRKAAEILAKSKHAVVFTGAGISAESGIPTFRGEDGLWRKYDPEEVASISGFKRNPRAFWEFSMEMKDKLFAEPNP
AHYAIAELERMGIVKAVITQNIDMLHQRAGSRRVLELHGSMDKLDCLDCHETYDWSEFVEDFNKGEIPRCRKCGSYYVKP
RVVLFGEPLPQRTLFEAIEEAKHCDAFMVVGSSLVVYPAAELPYIAKKAGAKMIIVNAEPTMADPIFDVKIIGKAGEVLP
KIVEEVKRLRSEK
;
A
2 'polypeptide(L)' KGLGKGGA(MYK)RHRKW B
#
# COMPACT_ATOMS: atom_id res chain seq x y z
N MET A 1 11.40 15.40 -16.13
CA MET A 1 11.60 14.28 -15.18
C MET A 1 12.45 13.12 -15.74
N GLU A 2 12.98 13.26 -16.95
CA GLU A 2 13.67 12.15 -17.61
C GLU A 2 14.99 11.80 -16.94
N ASP A 3 15.77 12.82 -16.57
CA ASP A 3 17.03 12.59 -15.86
C ASP A 3 16.78 11.94 -14.49
N GLU A 4 15.71 12.35 -13.82
CA GLU A 4 15.32 11.71 -12.55
C GLU A 4 14.86 10.27 -12.77
N ILE A 5 14.07 10.04 -13.81
CA ILE A 5 13.65 8.69 -14.20
C ILE A 5 14.88 7.82 -14.48
N ARG A 6 15.86 8.36 -15.22
CA ARG A 6 17.09 7.63 -15.52
C ARG A 6 17.91 7.36 -14.26
N LYS A 7 17.95 8.31 -13.34
CA LYS A 7 18.65 8.14 -12.07
C LYS A 7 18.01 7.03 -11.25
N ALA A 8 16.68 7.03 -11.18
CA ALA A 8 15.96 5.95 -10.49
C ALA A 8 16.24 4.59 -11.13
N ALA A 9 16.24 4.54 -12.45
CA ALA A 9 16.51 3.31 -13.19
C ALA A 9 17.91 2.79 -12.92
N GLU A 10 18.89 3.69 -12.91
CA GLU A 10 20.28 3.34 -12.59
C GLU A 10 20.38 2.71 -11.20
N ILE A 11 19.73 3.34 -10.22
CA ILE A 11 19.73 2.82 -8.85
C ILE A 11 19.14 1.41 -8.81
N LEU A 12 17.99 1.23 -9.45
CA LEU A 12 17.31 -0.07 -9.43
C LEU A 12 18.10 -1.15 -10.18
N ALA A 13 18.69 -0.78 -11.32
CA ALA A 13 19.47 -1.72 -12.11
C ALA A 13 20.71 -2.24 -11.38
N LYS A 14 21.30 -1.39 -10.54
CA LYS A 14 22.51 -1.74 -9.77
C LYS A 14 22.22 -2.41 -8.42
N SER A 15 20.97 -2.36 -7.97
CA SER A 15 20.63 -2.80 -6.61
C SER A 15 20.72 -4.31 -6.41
N LYS A 16 21.13 -4.72 -5.21
CA LYS A 16 21.11 -6.13 -4.81
C LYS A 16 19.76 -6.51 -4.18
N HIS A 17 19.04 -5.51 -3.67
CA HIS A 17 17.82 -5.77 -2.93
C HIS A 17 16.93 -4.54 -2.87
N ALA A 18 16.10 -4.37 -3.90
CA ALA A 18 15.20 -3.22 -3.99
C ALA A 18 13.84 -3.52 -3.34
N VAL A 19 13.30 -2.51 -2.65
CA VAL A 19 11.99 -2.60 -2.00
C VAL A 19 11.13 -1.45 -2.50
N VAL A 20 9.85 -1.74 -2.76
CA VAL A 20 8.88 -0.72 -3.14
C VAL A 20 7.84 -0.57 -2.04
N PHE A 21 7.50 0.69 -1.74
CA PHE A 21 6.58 1.05 -0.66
C PHE A 21 5.47 1.89 -1.28
N THR A 22 4.22 1.47 -1.13
CA THR A 22 3.11 2.16 -1.79
C THR A 22 1.99 2.57 -0.84
N GLY A 23 1.31 3.65 -1.22
CA GLY A 23 0.13 4.15 -0.52
C GLY A 23 -1.00 4.45 -1.49
N ALA A 24 -1.96 5.23 -1.02
CA ALA A 24 -3.23 5.43 -1.73
C ALA A 24 -3.10 6.11 -3.10
N GLY A 25 -2.01 6.84 -3.32
CA GLY A 25 -1.77 7.53 -4.58
C GLY A 25 -1.75 6.62 -5.81
N ILE A 26 -1.39 5.35 -5.60
CA ILE A 26 -1.34 4.37 -6.68
C ILE A 26 -2.71 3.67 -6.90
N SER A 27 -3.59 3.76 -5.91
CA SER A 27 -4.90 3.10 -5.95
C SER A 27 -6.05 4.03 -6.37
N ALA A 28 -5.86 5.34 -6.16
CA ALA A 28 -6.93 6.31 -6.41
C ALA A 28 -6.85 6.91 -7.81
N GLU A 29 -8.01 7.04 -8.45
CA GLU A 29 -8.16 7.74 -9.73
C GLU A 29 -9.42 7.27 -10.46
N PRO A 47 -13.29 11.04 8.93
CA PRO A 47 -11.95 10.48 9.13
C PRO A 47 -11.88 9.59 10.36
N GLU A 48 -12.27 10.12 11.51
CA GLU A 48 -12.39 9.34 12.74
C GLU A 48 -13.66 8.48 12.64
N GLU A 49 -14.77 9.14 12.33
CA GLU A 49 -16.05 8.46 12.17
C GLU A 49 -16.00 7.42 11.03
N VAL A 50 -15.17 7.67 10.03
CA VAL A 50 -15.13 6.86 8.83
C VAL A 50 -14.19 5.66 8.92
N ALA A 51 -12.97 5.88 9.43
CA ALA A 51 -11.89 4.91 9.24
C ALA A 51 -11.08 4.55 10.50
N SER A 52 -11.66 4.79 11.68
CA SER A 52 -10.99 4.46 12.94
C SER A 52 -11.76 3.38 13.71
N ILE A 53 -11.06 2.71 14.62
CA ILE A 53 -11.68 1.64 15.42
C ILE A 53 -12.75 2.19 16.37
N SER A 54 -12.51 3.36 16.96
CA SER A 54 -13.53 3.99 17.81
C SER A 54 -14.76 4.35 16.98
N GLY A 55 -14.54 4.83 15.76
CA GLY A 55 -15.63 5.14 14.83
C GLY A 55 -16.43 3.90 14.46
N PHE A 56 -15.71 2.82 14.12
CA PHE A 56 -16.35 1.57 13.76
C PHE A 56 -17.20 1.00 14.90
N LYS A 57 -16.69 1.10 16.14
CA LYS A 57 -17.41 0.59 17.31
C LYS A 57 -18.66 1.41 17.62
N ARG A 58 -18.61 2.70 17.29
CA ARG A 58 -19.75 3.59 17.51
C ARG A 58 -20.81 3.43 16.42
N ASN A 59 -20.35 3.30 15.18
CA ASN A 59 -21.24 3.25 14.03
C ASN A 59 -20.58 2.48 12.88
N PRO A 60 -20.71 1.15 12.90
CA PRO A 60 -20.09 0.35 11.83
C PRO A 60 -20.72 0.60 10.45
N ARG A 61 -21.99 1.00 10.43
CA ARG A 61 -22.66 1.32 9.16
C ARG A 61 -21.99 2.51 8.45
N ALA A 62 -21.56 3.51 9.21
CA ALA A 62 -20.83 4.64 8.63
C ALA A 62 -19.56 4.21 7.91
N PHE A 63 -18.80 3.30 8.52
CA PHE A 63 -17.62 2.75 7.86
C PHE A 63 -17.98 2.11 6.53
N TRP A 64 -19.04 1.31 6.52
CA TRP A 64 -19.43 0.61 5.30
C TRP A 64 -19.98 1.54 4.22
N GLU A 65 -20.77 2.54 4.62
CA GLU A 65 -21.28 3.53 3.67
C GLU A 65 -20.13 4.36 3.09
N PHE A 66 -19.15 4.69 3.92
CA PHE A 66 -17.94 5.38 3.45
C PHE A 66 -17.18 4.52 2.45
N SER A 67 -17.05 3.23 2.75
CA SER A 67 -16.34 2.30 1.86
C SER A 67 -17.04 2.16 0.51
N MET A 68 -18.38 2.22 0.52
CA MET A 68 -19.15 2.16 -0.73
C MET A 68 -18.89 3.38 -1.60
N GLU A 69 -18.75 4.54 -0.97
CA GLU A 69 -18.41 5.77 -1.69
C GLU A 69 -16.98 5.72 -2.22
N MET A 70 -16.06 5.23 -1.39
CA MET A 70 -14.64 5.17 -1.76
C MET A 70 -14.35 4.20 -2.90
N LYS A 71 -15.09 3.10 -2.96
CA LYS A 71 -14.87 2.08 -4.00
C LYS A 71 -14.96 2.69 -5.41
N ASP A 72 -15.87 3.65 -5.58
CA ASP A 72 -16.08 4.33 -6.86
C ASP A 72 -14.87 5.21 -7.24
N LYS A 73 -14.12 5.68 -6.26
CA LYS A 73 -12.96 6.54 -6.49
C LYS A 73 -11.66 5.76 -6.70
N LEU A 74 -11.67 4.46 -6.40
CA LEU A 74 -10.48 3.62 -6.55
C LEU A 74 -10.48 2.92 -7.90
N PHE A 75 -9.30 2.52 -8.36
CA PHE A 75 -9.17 1.69 -9.55
C PHE A 75 -9.83 0.34 -9.29
N ALA A 76 -10.73 -0.06 -10.18
CA ALA A 76 -11.41 -1.35 -10.07
C ALA A 76 -10.46 -2.52 -10.36
N GLU A 77 -9.42 -2.26 -11.16
CA GLU A 77 -8.42 -3.27 -11.49
C GLU A 77 -7.03 -2.62 -11.55
N PRO A 78 -5.96 -3.44 -11.54
CA PRO A 78 -4.61 -2.87 -11.54
C PRO A 78 -4.33 -1.93 -12.73
N ASN A 79 -3.56 -0.88 -12.46
CA ASN A 79 -3.12 0.08 -13.47
C ASN A 79 -1.65 -0.16 -13.84
N PRO A 80 -1.11 0.58 -14.82
CA PRO A 80 0.27 0.35 -15.27
C PRO A 80 1.35 0.47 -14.18
N ALA A 81 1.10 1.22 -13.13
CA ALA A 81 2.05 1.28 -12.00
C ALA A 81 2.15 -0.05 -11.29
N HIS A 82 1.00 -0.70 -11.06
CA HIS A 82 0.99 -2.03 -10.45
C HIS A 82 1.69 -3.06 -11.32
N TYR A 83 1.43 -3.01 -12.62
CA TYR A 83 2.06 -3.95 -13.54
C TYR A 83 3.57 -3.72 -13.65
N ALA A 84 4.00 -2.46 -13.61
CA ALA A 84 5.43 -2.14 -13.64
C ALA A 84 6.13 -2.71 -12.41
N ILE A 85 5.52 -2.54 -11.25
CA ILE A 85 6.09 -3.06 -10.00
C ILE A 85 6.13 -4.59 -10.01
N ALA A 86 5.09 -5.22 -10.54
CA ALA A 86 5.08 -6.65 -10.74
C ALA A 86 6.21 -7.10 -11.66
N GLU A 87 6.44 -6.35 -12.73
CA GLU A 87 7.51 -6.68 -13.69
C GLU A 87 8.91 -6.57 -13.06
N LEU A 88 9.11 -5.55 -12.23
CA LEU A 88 10.40 -5.39 -11.54
C LEU A 88 10.67 -6.57 -10.58
N GLU A 89 9.63 -7.15 -10.01
CA GLU A 89 9.77 -8.37 -9.19
C GLU A 89 10.09 -9.56 -10.08
N ARG A 90 9.38 -9.68 -11.20
CA ARG A 90 9.63 -10.75 -12.18
C ARG A 90 11.07 -10.72 -12.68
N MET A 91 11.62 -9.52 -12.82
CA MET A 91 13.01 -9.33 -13.27
C MET A 91 14.05 -9.65 -12.20
N GLY A 92 13.61 -9.88 -10.96
CA GLY A 92 14.51 -10.19 -9.85
C GLY A 92 15.08 -8.97 -9.16
N ILE A 93 14.55 -7.79 -9.47
CA ILE A 93 15.07 -6.54 -8.90
C ILE A 93 14.34 -6.20 -7.61
N VAL A 94 13.02 -6.11 -7.69
CA VAL A 94 12.21 -5.81 -6.51
C VAL A 94 11.96 -7.10 -5.72
N LYS A 95 12.41 -7.10 -4.47
CA LYS A 95 12.32 -8.28 -3.60
C LYS A 95 11.09 -8.28 -2.71
N ALA A 96 10.49 -7.11 -2.52
CA ALA A 96 9.29 -6.98 -1.69
C ALA A 96 8.54 -5.72 -2.03
N VAL A 97 7.22 -5.80 -1.93
CA VAL A 97 6.35 -4.64 -2.01
C VAL A 97 5.72 -4.48 -0.64
N ILE A 98 5.96 -3.34 -0.02
CA ILE A 98 5.33 -2.99 1.24
C ILE A 98 4.20 -2.03 0.91
N THR A 99 2.98 -2.35 1.30
CA THR A 99 1.86 -1.48 0.95
C THR A 99 0.99 -1.10 2.14
N GLN A 100 0.48 0.12 2.10
CA GLN A 100 -0.48 0.62 3.05
C GLN A 100 -1.91 0.34 2.59
N ASN A 101 -2.04 -0.16 1.35
CA ASN A 101 -3.34 -0.31 0.69
C ASN A 101 -4.00 -1.65 1.00
N ILE A 102 -5.33 -1.65 0.95
CA ILE A 102 -6.12 -2.81 1.38
C ILE A 102 -6.89 -3.44 0.22
N ASP A 103 -6.60 -2.99 -1.00
CA ASP A 103 -7.36 -3.35 -2.19
C ASP A 103 -6.81 -4.54 -2.98
N MET A 104 -5.65 -5.06 -2.56
CA MET A 104 -5.02 -6.24 -3.17
C MET A 104 -4.67 -6.08 -4.66
N LEU A 105 -4.54 -4.84 -5.13
CA LEU A 105 -4.23 -4.58 -6.54
C LEU A 105 -2.83 -5.04 -6.93
N HIS A 106 -1.89 -5.01 -5.99
CA HIS A 106 -0.55 -5.51 -6.26
C HIS A 106 -0.59 -7.00 -6.62
N GLN A 107 -1.28 -7.79 -5.80
CA GLN A 107 -1.39 -9.23 -6.02
C GLN A 107 -2.14 -9.55 -7.32
N ARG A 108 -3.17 -8.77 -7.61
CA ARG A 108 -3.96 -8.94 -8.84
C ARG A 108 -3.17 -8.56 -10.10
N ALA A 109 -2.13 -7.76 -9.93
CA ALA A 109 -1.21 -7.41 -11.01
C ALA A 109 -0.09 -8.44 -11.20
N GLY A 110 0.01 -9.40 -10.29
CA GLY A 110 1.03 -10.46 -10.37
C GLY A 110 2.15 -10.39 -9.34
N SER A 111 2.15 -9.38 -8.49
CA SER A 111 3.14 -9.29 -7.41
C SER A 111 2.92 -10.44 -6.44
N ARG A 112 4.02 -11.03 -5.96
CA ARG A 112 3.93 -12.17 -5.05
C ARG A 112 4.33 -11.77 -3.63
N ARG A 113 5.51 -11.18 -3.49
CA ARG A 113 6.03 -10.79 -2.18
C ARG A 113 5.44 -9.45 -1.76
N VAL A 114 4.19 -9.47 -1.29
CA VAL A 114 3.48 -8.26 -0.89
C VAL A 114 3.22 -8.28 0.62
N LEU A 115 3.71 -7.24 1.31
CA LEU A 115 3.49 -7.08 2.74
C LEU A 115 2.40 -6.05 2.99
N GLU A 116 1.24 -6.54 3.41
CA GLU A 116 0.05 -5.71 3.62
C GLU A 116 0.05 -5.15 5.05
N LEU A 117 0.65 -3.98 5.21
CA LEU A 117 0.77 -3.35 6.52
C LEU A 117 -0.56 -3.14 7.22
N HIS A 118 -1.59 -2.84 6.43
CA HIS A 118 -2.90 -2.52 6.99
C HIS A 118 -3.95 -3.58 6.67
N GLY A 119 -3.49 -4.78 6.36
CA GLY A 119 -4.38 -5.90 6.04
C GLY A 119 -5.09 -5.70 4.72
N SER A 120 -6.28 -6.29 4.60
CA SER A 120 -7.07 -6.20 3.37
C SER A 120 -8.51 -6.56 3.63
N MET A 121 -9.36 -6.34 2.62
CA MET A 121 -10.78 -6.65 2.71
C MET A 121 -11.10 -8.13 2.55
N ASP A 122 -10.09 -8.93 2.19
CA ASP A 122 -10.27 -10.35 1.83
C ASP A 122 -11.02 -11.19 2.87
N LYS A 123 -10.71 -10.99 4.14
CA LYS A 123 -11.33 -11.74 5.22
C LYS A 123 -11.97 -10.77 6.22
N LEU A 124 -13.05 -11.22 6.87
CA LEU A 124 -13.81 -10.39 7.80
C LEU A 124 -14.28 -11.22 9.00
N ASP A 125 -14.58 -10.51 10.08
CA ASP A 125 -15.04 -11.14 11.32
C ASP A 125 -16.23 -10.38 11.90
N CYS A 126 -17.20 -11.11 12.44
CA CYS A 126 -18.24 -10.50 13.24
C CYS A 126 -17.71 -10.27 14.65
N LEU A 127 -17.73 -9.03 15.11
CA LEU A 127 -17.20 -8.70 16.44
C LEU A 127 -18.03 -9.23 17.59
N ASP A 128 -19.30 -9.56 17.34
CA ASP A 128 -20.19 -10.06 18.37
C ASP A 128 -20.12 -11.58 18.58
N CYS A 129 -20.25 -12.35 17.51
CA CYS A 129 -20.23 -13.82 17.62
C CYS A 129 -18.98 -14.48 17.03
N HIS A 130 -18.08 -13.67 16.47
CA HIS A 130 -16.75 -14.12 15.99
C HIS A 130 -16.81 -15.02 14.74
N GLU A 131 -17.93 -15.00 14.04
CA GLU A 131 -18.06 -15.68 12.75
C GLU A 131 -17.08 -15.08 11.74
N THR A 132 -16.51 -15.92 10.88
CA THR A 132 -15.56 -15.46 9.87
C THR A 132 -16.15 -15.53 8.47
N TYR A 133 -15.71 -14.61 7.61
CA TYR A 133 -16.22 -14.47 6.25
C TYR A 133 -15.12 -14.19 5.24
N ASP A 134 -15.38 -14.57 4.00
CA ASP A 134 -14.62 -14.12 2.85
C ASP A 134 -15.36 -12.97 2.21
N TRP A 135 -14.62 -12.02 1.64
CA TRP A 135 -15.20 -10.86 0.98
C TRP A 135 -16.15 -11.25 -0.16
N SER A 136 -15.86 -12.36 -0.83
CA SER A 136 -16.73 -12.89 -1.89
C SER A 136 -18.17 -13.12 -1.43
N GLU A 137 -18.38 -13.30 -0.13
CA GLU A 137 -19.72 -13.52 0.42
C GLU A 137 -20.54 -12.23 0.51
N PHE A 138 -19.87 -11.08 0.56
CA PHE A 138 -20.54 -9.79 0.75
C PHE A 138 -20.54 -8.90 -0.48
N VAL A 139 -19.65 -9.15 -1.42
CA VAL A 139 -19.36 -8.18 -2.46
C VAL A 139 -20.57 -7.83 -3.35
N GLU A 140 -21.41 -8.82 -3.67
CA GLU A 140 -22.61 -8.55 -4.47
C GLU A 140 -23.53 -7.56 -3.75
N ASP A 141 -23.92 -7.90 -2.52
CA ASP A 141 -24.76 -7.02 -1.70
C ASP A 141 -24.13 -5.65 -1.54
N PHE A 142 -22.84 -5.64 -1.24
CA PHE A 142 -22.08 -4.41 -1.05
C PHE A 142 -22.19 -3.49 -2.25
N ASN A 143 -22.05 -4.04 -3.46
CA ASN A 143 -22.15 -3.24 -4.68
C ASN A 143 -23.57 -2.66 -4.92
N LYS A 144 -24.57 -3.28 -4.30
CA LYS A 144 -25.96 -2.78 -4.31
C LYS A 144 -26.27 -1.85 -3.13
N GLY A 145 -25.28 -1.57 -2.29
CA GLY A 145 -25.47 -0.69 -1.14
C GLY A 145 -26.06 -1.36 0.08
N GLU A 146 -26.02 -2.69 0.12
CA GLU A 146 -26.45 -3.43 1.30
C GLU A 146 -25.22 -3.71 2.14
N ILE A 147 -25.18 -3.16 3.34
CA ILE A 147 -23.97 -3.27 4.16
C ILE A 147 -23.79 -4.70 4.66
N PRO A 148 -22.54 -5.14 4.82
CA PRO A 148 -22.30 -6.45 5.43
C PRO A 148 -22.99 -6.56 6.79
N ARG A 149 -23.71 -7.67 6.97
CA ARG A 149 -24.34 -8.03 8.24
C ARG A 149 -23.95 -9.46 8.51
N CYS A 150 -23.79 -9.81 9.77
CA CYS A 150 -23.48 -11.19 10.13
C CYS A 150 -24.71 -12.08 9.90
N ARG A 151 -24.56 -13.11 9.08
CA ARG A 151 -25.68 -14.00 8.78
C ARG A 151 -26.04 -14.86 9.99
N LYS A 152 -25.06 -15.24 10.80
CA LYS A 152 -25.33 -16.09 11.96
C LYS A 152 -26.18 -15.36 12.99
N CYS A 153 -25.71 -14.20 13.45
CA CYS A 153 -26.32 -13.52 14.60
C CYS A 153 -27.04 -12.20 14.26
N GLY A 154 -26.88 -11.72 13.04
CA GLY A 154 -27.57 -10.51 12.56
C GLY A 154 -26.85 -9.19 12.85
N SER A 155 -25.67 -9.27 13.47
CA SER A 155 -24.94 -8.08 13.90
C SER A 155 -24.61 -7.12 12.76
N TYR A 156 -24.57 -5.84 13.10
CA TYR A 156 -24.08 -4.80 12.21
C TYR A 156 -22.55 -4.66 12.26
N TYR A 157 -21.89 -5.45 13.12
CA TYR A 157 -20.45 -5.30 13.37
C TYR A 157 -19.60 -6.35 12.65
N VAL A 158 -19.71 -6.37 11.32
CA VAL A 158 -18.81 -7.18 10.49
C VAL A 158 -17.61 -6.31 10.13
N LYS A 159 -16.46 -6.65 10.71
CA LYS A 159 -15.25 -5.86 10.54
C LYS A 159 -14.28 -6.58 9.59
N PRO A 160 -13.84 -5.90 8.52
CA PRO A 160 -12.83 -6.53 7.68
C PRO A 160 -11.50 -6.60 8.41
N ARG A 161 -10.65 -7.54 8.01
CA ARG A 161 -9.31 -7.66 8.61
C ARG A 161 -8.38 -6.60 8.04
N VAL A 162 -8.80 -5.36 8.22
CA VAL A 162 -8.07 -4.17 7.83
C VAL A 162 -7.68 -3.48 9.13
N VAL A 163 -6.49 -2.91 9.16
CA VAL A 163 -6.06 -2.09 10.29
C VAL A 163 -6.71 -0.73 10.15
N LEU A 164 -7.65 -0.42 11.04
CA LEU A 164 -8.25 0.91 11.08
C LEU A 164 -7.36 1.82 11.90
N PHE A 165 -7.53 3.13 11.75
CA PHE A 165 -6.83 4.08 12.59
C PHE A 165 -7.13 3.76 14.06
N GLY A 166 -6.09 3.78 14.89
CA GLY A 166 -6.21 3.45 16.31
C GLY A 166 -5.96 1.99 16.64
N GLU A 167 -5.70 1.16 15.63
CA GLU A 167 -5.37 -0.25 15.85
C GLU A 167 -3.88 -0.51 15.60
N PRO A 168 -3.30 -1.48 16.32
CA PRO A 168 -1.92 -1.87 16.01
C PRO A 168 -1.86 -2.69 14.73
N LEU A 169 -0.68 -2.73 14.11
CA LEU A 169 -0.51 -3.46 12.86
C LEU A 169 -0.22 -4.92 13.14
N PRO A 170 -0.49 -5.80 12.17
CA PRO A 170 -0.14 -7.21 12.34
C PRO A 170 1.37 -7.35 12.56
N GLN A 171 1.74 -8.07 13.61
CA GLN A 171 3.11 -8.07 14.10
C GLN A 171 4.10 -8.76 13.17
N ARG A 172 3.71 -9.91 12.63
CA ARG A 172 4.57 -10.65 11.70
C ARG A 172 4.87 -9.81 10.46
N THR A 173 3.82 -9.22 9.90
CA THR A 173 3.94 -8.41 8.69
C THR A 173 4.81 -7.19 8.93
N LEU A 174 4.60 -6.53 10.07
CA LEU A 174 5.40 -5.34 10.40
C LEU A 174 6.87 -5.71 10.58
N PHE A 175 7.14 -6.79 11.29
CA PHE A 175 8.53 -7.28 11.45
C PHE A 175 9.19 -7.51 10.10
N GLU A 176 8.49 -8.20 9.20
CA GLU A 176 9.06 -8.49 7.88
C GLU A 176 9.35 -7.20 7.12
N ALA A 177 8.44 -6.24 7.22
CA ALA A 177 8.60 -4.96 6.53
C ALA A 177 9.80 -4.18 7.09
N ILE A 178 9.96 -4.20 8.41
CA ILE A 178 11.13 -3.58 9.05
C ILE A 178 12.42 -4.25 8.57
N GLU A 179 12.42 -5.58 8.53
CA GLU A 179 13.59 -6.32 8.06
C GLU A 179 13.93 -6.00 6.60
N GLU A 180 12.90 -5.87 5.77
CA GLU A 180 13.11 -5.44 4.38
C GLU A 180 13.74 -4.05 4.31
N ALA A 181 13.20 -3.11 5.09
CA ALA A 181 13.73 -1.74 5.11
C ALA A 181 15.19 -1.70 5.60
N LYS A 182 15.50 -2.51 6.62
CA LYS A 182 16.83 -2.54 7.21
C LYS A 182 17.90 -3.14 6.31
N HIS A 183 17.50 -3.98 5.36
CA HIS A 183 18.45 -4.74 4.56
C HIS A 183 18.26 -4.62 3.06
N CYS A 184 17.71 -3.49 2.63
CA CYS A 184 17.60 -3.17 1.21
C CYS A 184 18.67 -2.15 0.87
N ASP A 185 19.06 -2.09 -0.40
CA ASP A 185 19.96 -1.03 -0.86
C ASP A 185 19.28 -0.03 -1.78
N ALA A 186 17.99 -0.25 -2.05
CA ALA A 186 17.16 0.71 -2.77
C ALA A 186 15.74 0.63 -2.22
N PHE A 187 15.13 1.79 -1.98
CA PHE A 187 13.81 1.87 -1.38
C PHE A 187 13.04 2.93 -2.15
N MET A 188 11.99 2.52 -2.85
CA MET A 188 11.22 3.43 -3.70
C MET A 188 9.80 3.60 -3.17
N VAL A 189 9.47 4.82 -2.75
CA VAL A 189 8.13 5.16 -2.31
C VAL A 189 7.31 5.59 -3.53
N VAL A 190 6.11 5.04 -3.67
CA VAL A 190 5.20 5.41 -4.78
C VAL A 190 3.80 5.69 -4.23
N GLY A 191 3.31 6.91 -4.42
CA GLY A 191 1.95 7.26 -4.06
C GLY A 191 1.66 7.26 -2.57
N SER A 192 2.59 7.79 -1.78
CA SER A 192 2.34 7.99 -0.34
C SER A 192 2.89 9.33 0.13
N SER A 193 2.13 10.02 0.98
CA SER A 193 2.57 11.29 1.57
C SER A 193 3.37 11.08 2.87
N LEU A 194 3.48 9.83 3.32
CA LEU A 194 4.30 9.47 4.47
C LEU A 194 3.89 10.21 5.74
N VAL A 195 2.57 10.23 5.98
CA VAL A 195 1.99 10.84 7.17
C VAL A 195 1.27 9.83 8.07
N VAL A 196 1.25 8.56 7.67
CA VAL A 196 0.62 7.52 8.47
C VAL A 196 1.68 6.61 9.09
N TYR A 197 1.72 6.61 10.42
CA TYR A 197 2.63 5.78 11.18
C TYR A 197 1.89 4.57 11.72
N PRO A 198 2.61 3.49 12.06
CA PRO A 198 4.07 3.32 11.92
C PRO A 198 4.58 3.07 10.50
N ALA A 199 3.70 2.95 9.50
CA ALA A 199 4.14 2.71 8.12
C ALA A 199 5.22 3.69 7.66
N ALA A 200 5.01 4.97 7.95
CA ALA A 200 5.91 6.03 7.52
C ALA A 200 7.32 5.93 8.10
N GLU A 201 7.50 5.16 9.19
CA GLU A 201 8.83 4.93 9.76
C GLU A 201 9.74 4.17 8.79
N LEU A 202 9.15 3.33 7.95
CA LEU A 202 9.92 2.40 7.13
C LEU A 202 10.92 3.06 6.16
N PRO A 203 10.51 4.12 5.43
CA PRO A 203 11.52 4.80 4.62
C PRO A 203 12.68 5.41 5.41
N TYR A 204 12.40 5.88 6.63
CA TYR A 204 13.47 6.40 7.49
C TYR A 204 14.42 5.29 7.94
N ILE A 205 13.88 4.11 8.21
CA ILE A 205 14.70 2.95 8.55
C ILE A 205 15.62 2.59 7.39
N ALA A 206 15.08 2.56 6.17
CA ALA A 206 15.87 2.25 4.99
C ALA A 206 16.96 3.30 4.76
N LYS A 207 16.60 4.56 4.96
CA LYS A 207 17.54 5.68 4.83
C LYS A 207 18.71 5.53 5.82
N LYS A 208 18.38 5.27 7.08
CA LYS A 208 19.40 5.06 8.11
C LYS A 208 20.31 3.87 7.78
N ALA A 209 19.74 2.86 7.14
CA ALA A 209 20.47 1.65 6.75
C ALA A 209 21.34 1.84 5.50
N GLY A 210 21.26 3.01 4.87
CA GLY A 210 22.13 3.35 3.73
C GLY A 210 21.55 3.07 2.36
N ALA A 211 20.25 2.79 2.30
CA ALA A 211 19.58 2.55 1.02
C ALA A 211 19.50 3.82 0.19
N LYS A 212 19.56 3.66 -1.13
CA LYS A 212 19.29 4.77 -2.04
C LYS A 212 17.78 4.97 -2.07
N MET A 213 17.35 6.22 -1.91
CA MET A 213 15.95 6.53 -1.67
C MET A 213 15.33 7.23 -2.89
N ILE A 214 14.23 6.65 -3.39
CA ILE A 214 13.50 7.18 -4.54
C ILE A 214 12.06 7.45 -4.13
N ILE A 215 11.50 8.59 -4.56
CA ILE A 215 10.09 8.86 -4.32
C ILE A 215 9.40 9.29 -5.62
N VAL A 216 8.21 8.72 -5.85
CA VAL A 216 7.39 9.04 -7.00
C VAL A 216 5.99 9.41 -6.48
N ASN A 217 5.59 10.65 -6.71
CA ASN A 217 4.31 11.16 -6.22
C ASN A 217 3.76 12.22 -7.16
N ALA A 218 2.45 12.42 -7.12
CA ALA A 218 1.81 13.50 -7.86
C ALA A 218 2.16 14.88 -7.27
N GLU A 219 2.42 14.92 -5.96
CA GLU A 219 2.71 16.18 -5.26
C GLU A 219 3.86 16.00 -4.28
N PRO A 220 4.44 17.13 -3.81
CA PRO A 220 5.48 17.03 -2.79
C PRO A 220 4.97 16.50 -1.46
N THR A 221 5.87 15.94 -0.67
CA THR A 221 5.59 15.53 0.70
C THR A 221 6.60 16.21 1.62
N MET A 222 6.29 16.25 2.90
CA MET A 222 7.21 16.81 3.89
C MET A 222 8.47 15.95 4.06
N ALA A 223 8.42 14.70 3.58
CA ALA A 223 9.57 13.79 3.65
C ALA A 223 10.51 13.89 2.45
N ASP A 224 10.15 14.68 1.43
CA ASP A 224 10.96 14.79 0.22
C ASP A 224 12.47 15.01 0.46
N PRO A 225 12.85 15.85 1.45
CA PRO A 225 14.28 16.10 1.64
C PRO A 225 15.18 14.88 1.88
N ILE A 226 14.62 13.76 2.34
CA ILE A 226 15.44 12.57 2.60
C ILE A 226 15.73 11.73 1.34
N PHE A 227 15.07 12.06 0.24
CA PHE A 227 15.16 11.23 -0.96
C PHE A 227 16.28 11.66 -1.90
N ASP A 228 16.97 10.67 -2.45
CA ASP A 228 18.07 10.89 -3.38
C ASP A 228 17.55 11.24 -4.77
N VAL A 229 16.40 10.69 -5.12
CA VAL A 229 15.72 10.96 -6.38
C VAL A 229 14.25 11.29 -6.10
N LYS A 230 13.81 12.43 -6.60
CA LYS A 230 12.42 12.86 -6.44
C LYS A 230 11.77 13.04 -7.81
N ILE A 231 10.67 12.34 -8.04
CA ILE A 231 9.94 12.44 -9.29
C ILE A 231 8.51 12.90 -9.00
N ILE A 232 8.11 14.01 -9.61
CA ILE A 232 6.74 14.49 -9.54
C ILE A 232 6.03 14.08 -10.82
N GLY A 233 4.99 13.26 -10.68
CA GLY A 233 4.22 12.81 -11.83
C GLY A 233 3.21 11.74 -11.46
N LYS A 234 2.49 11.24 -12.46
CA LYS A 234 1.54 10.16 -12.28
C LYS A 234 2.29 8.83 -12.30
N ALA A 235 2.08 8.02 -11.26
CA ALA A 235 2.78 6.72 -11.14
C ALA A 235 2.56 5.81 -12.34
N GLY A 236 1.35 5.85 -12.91
CA GLY A 236 1.02 5.03 -14.08
C GLY A 236 1.81 5.39 -15.32
N GLU A 237 2.32 6.62 -15.37
CA GLU A 237 3.18 7.08 -16.46
C GLU A 237 4.65 6.88 -16.12
N VAL A 238 5.03 7.25 -14.90
CA VAL A 238 6.44 7.22 -14.48
C VAL A 238 6.99 5.81 -14.35
N LEU A 239 6.26 4.91 -13.68
CA LEU A 239 6.80 3.59 -13.36
C LEU A 239 7.12 2.74 -14.60
N PRO A 240 6.23 2.72 -15.60
CA PRO A 240 6.60 2.01 -16.84
C PRO A 240 7.86 2.57 -17.50
N LYS A 241 8.04 3.89 -17.48
CA LYS A 241 9.23 4.51 -18.05
C LYS A 241 10.50 4.09 -17.30
N ILE A 242 10.40 3.99 -15.98
CA ILE A 242 11.50 3.49 -15.17
C ILE A 242 11.85 2.05 -15.57
N VAL A 243 10.84 1.20 -15.69
CA VAL A 243 11.06 -0.21 -16.07
C VAL A 243 11.74 -0.31 -17.44
N GLU A 244 11.26 0.46 -18.41
CA GLU A 244 11.85 0.44 -19.75
C GLU A 244 13.33 0.85 -19.70
N GLU A 245 13.65 1.86 -18.91
CA GLU A 245 15.03 2.32 -18.76
C GLU A 245 15.90 1.27 -18.06
N VAL A 246 15.36 0.62 -17.03
CA VAL A 246 16.06 -0.46 -16.35
C VAL A 246 16.38 -1.60 -17.33
N LYS A 247 15.40 -1.96 -18.15
CA LYS A 247 15.62 -3.00 -19.17
C LYS A 247 16.72 -2.61 -20.15
N ARG A 248 16.74 -1.34 -20.56
CA ARG A 248 17.80 -0.85 -21.45
C ARG A 248 19.19 -0.96 -20.82
N LEU A 249 19.28 -0.59 -19.54
CA LEU A 249 20.56 -0.67 -18.82
C LEU A 249 21.05 -2.11 -18.71
N ARG A 250 20.11 -3.06 -18.64
CA ARG A 250 20.43 -4.48 -18.54
C ARG A 250 20.54 -5.18 -19.91
N SER A 251 20.51 -4.42 -20.99
CA SER A 251 20.53 -4.95 -22.37
C SER A 251 19.36 -5.89 -22.68
N GLU A 252 18.25 -5.70 -21.97
CA GLU A 252 17.02 -6.47 -22.21
C GLU A 252 16.10 -5.72 -23.16
N LYS A 253 16.43 -4.46 -23.41
CA LYS A 253 15.79 -3.65 -24.45
C LYS A 253 16.82 -2.64 -24.93
N LYS B 5 5.56 -2.25 19.77
CA LYS B 5 4.96 -2.92 18.57
C LYS B 5 4.57 -1.94 17.46
N GLY B 6 5.14 -0.74 17.48
CA GLY B 6 4.85 0.28 16.48
C GLY B 6 3.71 1.24 16.83
N GLY B 7 3.05 1.02 17.96
CA GLY B 7 1.90 1.85 18.36
C GLY B 7 0.70 1.62 17.47
N ALA B 8 -0.27 2.52 17.53
CA ALA B 8 -1.48 2.43 16.71
C ALA B 8 -1.29 3.11 15.36
N ARG B 10 -1.78 5.72 12.94
CA ARG B 10 -2.04 7.11 13.34
C ARG B 10 -1.50 8.10 12.33
N HIS B 11 -2.12 9.28 12.30
CA HIS B 11 -1.69 10.36 11.43
C HIS B 11 -0.74 11.30 12.18
N ARG B 12 0.37 11.65 11.54
CA ARG B 12 1.27 12.69 12.03
C ARG B 12 1.65 13.58 10.86
N LYS B 13 2.09 14.81 11.14
CA LYS B 13 2.47 15.75 10.08
C LYS B 13 3.69 15.27 9.29
N TRP B 14 4.62 14.63 9.98
CA TRP B 14 5.76 13.99 9.36
C TRP B 14 6.38 13.01 10.33
#